data_9KZD
#
_entry.id   9KZD
#
_cell.length_a   1.00
_cell.length_b   1.00
_cell.length_c   1.00
_cell.angle_alpha   90.00
_cell.angle_beta   90.00
_cell.angle_gamma   90.00
#
_symmetry.space_group_name_H-M   'P 1'
#
loop_
_entity.id
_entity.type
_entity.pdbx_description
1 polymer 'XGi-171 heavy chain'
2 polymer 'XGi-171 light chain'
3 polymer 'Spike glycoprotein'
#
loop_
_entity_poly.entity_id
_entity_poly.type
_entity_poly.pdbx_seq_one_letter_code
_entity_poly.pdbx_strand_id
1 'polypeptide(L)'
;EVQLAESGGGLVQPGGSLRLSCAASGFTFSTYDMHWVRQVTGNGLEWVSTIGTGGDTYYSDSVKGRFTVSRENAKNALFL
QINGLRAGDTAVYYCARGGSGQFWYFDLWGRGTLVTVSSASTKGPSVFPLAPSSKSTSGGTAALGCLVKDYFPEPVTVSW
NSGALTSGVHTFPAVLQSSGLYSLSSVVTVPSSSLGTQTYICNVNHKPSNTKVDKRVEPKSCDKTHTCPPCPAPELLGGP
SVFLFPPKPKDTLMISRTPEVTCVVVDVSHEDPEVKFNWYVDGVEVHNAKTKPREEQYNSTYRVVSVLTVLHQDWLNGKE
YKCKVSNKALPAPIEKTISKAKGQPREPQVYTLPPSREEMTKNQVSLTCLVKGFYPSDIAVEWESNGQPENNYKTTPPVL
DSDGSFFLYSKLTVDKSRWQQGNVFSCSVMHEALHNHYTQKSLSLSPGK
;
H
2 'polypeptide(L)'
;DIQMTQSPSSLSASLGDRVTITCRASQTIGRFLNWYQQKPGKAPKLLIYGASSLQIGVPSRFSGSGSGTDFTLTISSLQP
EDFATYYCQQSYSMPPVTFGQGTRLEIKRTVAAPSVFIFPPSDEQLKSGTASVVCLLNNFYPREAKVQWKVDNALQSGNS
QESVTEQDSKDSTYSLSSTLTLSKADYEKHKVYACEVTHQGLSSPVTKSFNRGEC
;
L
3 'polypeptide(L)'
;MPMGSLQPLATLYLLGMLVASVLAQCVNLITRTQSYTNSFTRGVYYPDKVFRSSVLHSTHDLFLPFFSNVTWFHAIHVSG
TNGTKRFDNPALPFNDGVYFASTEKSNIIRGWIFGTTLDSKTQSLLIVNNATNVVIKVCEFQFCNDPFLDVYQKNNKSWM
ESEFRVYSSANNCTFEYVSQPFLMDLEGKEGNFKNLREFVFKNIDGYFKIYSKHTPINLERDLPQGFSALEPLVDLPIGI
NITRFQTLLALHRSYLTPVDSSSGWTAGAAAYYVGYLQPRTFLLKYNENGTITDAVDCALDPLSETKCTLKSFTVEKGIY
QTSNFRVQPTESIVRFPNITNLCPFHEVFNATTFASVYAWNRKRISNCVADYSVIYNFAPFFAFKCYGVSPTKLNDLCFT
NVYADSFVIRGNEVSQIAPGQTGNIADYNYKLPDDFTGCVIAWNSNKLDSKPSGNYNYLYRLLRKSKLKPFERDISTEIY
QAGNKPCNGVAGPNCYSPLQSYGFRPTYGVGHQPYRVVVLSFELLHAPATVCGPKKSTNLVKNKCVNFNFNGLTGTGVLT
ESNKKFLPFQQFGRDIADTTDAVRDPQTLEILDITPCSFGGVSVITPGTNTSNQVAVLYQGVNCTEVPVAIHADQLTPTW
RVYSTGSNVFQTRAGCLIGAEYVNNSYECDIPIGAGICASYQTQTKSHGSASSVASQSIIAYTMSLGAENSVAYSNNSIA
IPTNFTISVTTEILPVSMTKTSVDCTMYICGDSTECSNLLLQYGSFCTQLKRALTGIAVEQDKNTQEVFAQVKQIYKTPP
IKYFGGFNFSQILPDPSKPSKRSPIEDLLFNKVTLADAGFIKQYGDCLGDIAARDLICAQKFNGLTVLPPLLTDEMIAQY
TSALLAGTITSGWTFGAGPALQIPFPMQMAYRFNGIGVTQNVLYENQKLIANQFNSAIGKIQDSLSSTPSALGKLQDVVN
HNAQALNTLVKQLSSKFGAISSVLNDILSRLDPPEAEVQIDRLITGRLQSLQTYVTQQLIRAAEIRASANLAATKMSECV
LGQSKRVDFCGKGYHLMSFPQSAPHGVVFLHVTYVPAQEKNFTTAPAICHDGKAHFPREGVFVSNGTHWFVTQRNFYEPQ
IITTDNTFVSGNCDVVIGIVNNTVYDPLQPELDSFKEELDKYFKNHTSPDVDLGDISGINASVVNIQKEIDRLNEVAKNL
NESLIDLQELGKYEQGSGYIPEAPRDGQAYVRKDGEWVFLSTFLSGLEVLFQGPGGWSHPQFEKGGGSGGGSGGSAWSHP
QFEKGGSHHHHHHHH
;
A
#
# COMPACT_ATOMS: atom_id res chain seq x y z
N GLU A 1 16.01 9.53 -23.70
CA GLU A 1 15.45 10.44 -22.71
C GLU A 1 15.68 9.93 -21.29
N VAL A 2 15.42 10.79 -20.31
CA VAL A 2 15.60 10.43 -18.91
C VAL A 2 14.44 9.52 -18.49
N GLN A 3 14.68 8.21 -18.49
CA GLN A 3 13.64 7.25 -18.18
C GLN A 3 14.24 6.11 -17.38
N LEU A 4 13.39 5.50 -16.54
CA LEU A 4 13.78 4.36 -15.74
C LEU A 4 13.25 3.07 -16.37
N ALA A 5 14.12 2.10 -16.55
CA ALA A 5 13.76 0.82 -17.15
C ALA A 5 13.38 -0.16 -16.04
N GLU A 6 13.25 -1.44 -16.40
CA GLU A 6 12.96 -2.49 -15.43
C GLU A 6 13.25 -3.83 -16.10
N SER A 7 13.28 -4.89 -15.29
CA SER A 7 13.51 -6.23 -15.79
C SER A 7 13.13 -7.22 -14.70
N GLY A 8 13.35 -8.51 -14.99
CA GLY A 8 13.03 -9.55 -14.04
C GLY A 8 11.56 -9.92 -13.98
N GLY A 9 10.77 -9.46 -14.95
CA GLY A 9 9.36 -9.79 -14.94
C GLY A 9 9.10 -11.16 -15.55
N GLY A 10 8.22 -11.92 -14.91
CA GLY A 10 7.88 -13.23 -15.40
C GLY A 10 7.30 -14.10 -14.30
N LEU A 11 6.77 -15.24 -14.73
CA LEU A 11 6.21 -16.20 -13.79
C LEU A 11 7.31 -16.81 -12.93
N VAL A 12 6.98 -17.04 -11.65
CA VAL A 12 7.94 -17.57 -10.70
C VAL A 12 7.21 -18.49 -9.73
N GLN A 13 7.90 -19.54 -9.28
CA GLN A 13 7.30 -20.48 -8.36
C GLN A 13 7.14 -19.84 -6.98
N PRO A 14 6.11 -20.24 -6.23
CA PRO A 14 5.96 -19.71 -4.86
C PRO A 14 7.13 -20.15 -3.98
N GLY A 15 7.74 -19.18 -3.33
CA GLY A 15 8.92 -19.42 -2.52
C GLY A 15 10.23 -19.34 -3.25
N GLY A 16 10.22 -19.28 -4.59
CA GLY A 16 11.46 -19.19 -5.33
C GLY A 16 12.02 -17.77 -5.31
N SER A 17 13.32 -17.68 -5.58
CA SER A 17 13.99 -16.40 -5.60
C SER A 17 13.68 -15.65 -6.90
N LEU A 18 14.05 -14.37 -6.93
CA LEU A 18 13.81 -13.52 -8.08
C LEU A 18 14.64 -12.26 -7.94
N ARG A 19 15.02 -11.68 -9.07
CA ARG A 19 15.79 -10.45 -9.10
C ARG A 19 15.18 -9.48 -10.10
N LEU A 20 15.00 -8.24 -9.67
CA LEU A 20 14.53 -7.17 -10.54
C LEU A 20 15.60 -6.11 -10.66
N SER A 21 15.71 -5.52 -11.85
CA SER A 21 16.69 -4.48 -12.10
C SER A 21 15.97 -3.22 -12.56
N CYS A 22 16.69 -2.10 -12.53
CA CYS A 22 16.13 -0.80 -12.90
C CYS A 22 17.26 0.04 -13.48
N ALA A 23 17.33 0.08 -14.81
CA ALA A 23 18.39 0.81 -15.50
C ALA A 23 18.10 2.31 -15.51
N ALA A 24 19.16 3.11 -15.60
CA ALA A 24 19.05 4.54 -15.64
C ALA A 24 19.36 5.08 -17.03
N SER A 25 18.94 6.32 -17.28
CA SER A 25 19.13 6.97 -18.56
C SER A 25 19.23 8.47 -18.37
N GLY A 26 20.33 9.05 -18.86
CA GLY A 26 20.51 10.49 -18.83
C GLY A 26 20.96 11.03 -17.48
N PHE A 27 20.13 10.88 -16.46
CA PHE A 27 20.43 11.44 -15.16
C PHE A 27 21.56 10.67 -14.48
N THR A 28 22.05 11.24 -13.37
CA THR A 28 23.12 10.62 -12.59
C THR A 28 22.48 9.65 -11.60
N PHE A 29 22.74 8.36 -11.82
CA PHE A 29 22.20 7.33 -10.94
C PHE A 29 22.90 7.32 -9.59
N SER A 30 24.13 7.85 -9.51
CA SER A 30 24.92 7.75 -8.31
C SER A 30 24.67 8.88 -7.32
N THR A 31 23.89 9.90 -7.69
CA THR A 31 23.65 11.03 -6.81
C THR A 31 22.16 11.20 -6.46
N TYR A 32 21.35 10.18 -6.75
CA TYR A 32 19.92 10.22 -6.43
C TYR A 32 19.51 8.89 -5.84
N ASP A 33 18.60 8.95 -4.86
CA ASP A 33 18.12 7.73 -4.21
C ASP A 33 17.07 7.05 -5.08
N MET A 34 16.89 5.75 -4.83
CA MET A 34 15.95 4.94 -5.60
C MET A 34 15.03 4.19 -4.65
N HIS A 35 13.78 3.99 -5.09
CA HIS A 35 12.76 3.36 -4.26
C HIS A 35 12.00 2.33 -5.06
N TRP A 36 11.36 1.40 -4.36
CA TRP A 36 10.48 0.41 -4.95
C TRP A 36 9.08 0.58 -4.36
N VAL A 37 8.09 0.73 -5.24
CA VAL A 37 6.70 0.82 -4.82
C VAL A 37 5.88 -0.11 -5.70
N ARG A 38 5.27 -1.13 -5.10
CA ARG A 38 4.53 -2.14 -5.82
C ARG A 38 3.04 -1.79 -5.78
N GLN A 39 2.31 -2.20 -6.81
CA GLN A 39 0.87 -2.01 -6.89
C GLN A 39 0.21 -3.35 -7.19
N VAL A 40 -0.55 -3.86 -6.23
CA VAL A 40 -1.31 -5.08 -6.46
C VAL A 40 -2.30 -4.85 -7.60
N THR A 41 -2.55 -5.89 -8.38
CA THR A 41 -3.41 -5.78 -9.55
C THR A 41 -4.77 -5.23 -9.17
N GLY A 42 -5.09 -4.05 -9.71
CA GLY A 42 -6.34 -3.38 -9.41
C GLY A 42 -6.37 -2.60 -8.12
N ASN A 43 -5.36 -2.75 -7.25
CA ASN A 43 -5.32 -2.03 -6.00
C ASN A 43 -4.48 -0.77 -6.15
N GLY A 44 -4.17 -0.11 -5.03
CA GLY A 44 -3.38 1.09 -5.06
C GLY A 44 -1.89 0.80 -4.88
N LEU A 45 -1.12 1.88 -4.77
CA LEU A 45 0.31 1.76 -4.59
C LEU A 45 0.63 1.32 -3.16
N GLU A 46 1.73 0.59 -3.01
CA GLU A 46 2.23 0.17 -1.71
C GLU A 46 3.75 0.25 -1.73
N TRP A 47 4.32 1.00 -0.79
CA TRP A 47 5.77 1.16 -0.71
C TRP A 47 6.42 -0.14 -0.27
N VAL A 48 7.56 -0.45 -0.88
CA VAL A 48 8.25 -1.72 -0.67
C VAL A 48 9.57 -1.53 0.06
N SER A 49 10.50 -0.79 -0.55
CA SER A 49 11.84 -0.64 0.02
C SER A 49 12.53 0.53 -0.67
N THR A 50 13.71 0.87 -0.15
CA THR A 50 14.54 1.90 -0.75
C THR A 50 15.96 1.79 -0.18
N ILE A 51 16.92 2.22 -0.99
CA ILE A 51 18.32 2.29 -0.58
C ILE A 51 18.82 3.69 -0.93
N GLY A 52 19.43 4.36 0.05
CA GLY A 52 19.87 5.72 -0.16
C GLY A 52 21.17 5.83 -0.93
N THR A 53 21.69 7.05 -1.01
CA THR A 53 22.96 7.28 -1.70
C THR A 53 24.12 6.63 -0.97
N GLY A 54 24.13 6.72 0.36
CA GLY A 54 25.19 6.15 1.16
C GLY A 54 25.14 4.65 1.34
N GLY A 55 24.35 3.93 0.56
CA GLY A 55 24.27 2.50 0.69
C GLY A 55 23.37 2.00 1.79
N ASP A 56 22.76 2.89 2.56
CA ASP A 56 21.84 2.48 3.62
C ASP A 56 20.55 1.96 3.01
N THR A 57 20.07 0.84 3.54
CA THR A 57 18.89 0.17 3.02
C THR A 57 17.72 0.39 3.96
N TYR A 58 16.53 0.50 3.37
CA TYR A 58 15.30 0.66 4.13
C TYR A 58 14.21 -0.19 3.49
N TYR A 59 13.40 -0.82 4.34
CA TYR A 59 12.37 -1.74 3.88
C TYR A 59 11.07 -1.44 4.61
N SER A 60 10.03 -2.19 4.25
CA SER A 60 8.71 -2.01 4.85
C SER A 60 8.44 -3.08 5.90
N ASP A 61 7.31 -2.90 6.61
CA ASP A 61 6.97 -3.85 7.66
C ASP A 61 6.64 -5.23 7.10
N SER A 62 5.84 -5.29 6.06
CA SER A 62 5.50 -6.55 5.42
C SER A 62 6.52 -6.98 4.38
N VAL A 63 7.63 -6.25 4.24
CA VAL A 63 8.65 -6.54 3.25
C VAL A 63 9.96 -6.96 3.91
N LYS A 64 10.33 -6.30 5.02
CA LYS A 64 11.60 -6.57 5.67
C LYS A 64 11.67 -8.01 6.17
N GLY A 65 12.86 -8.60 6.08
CA GLY A 65 13.07 -9.96 6.49
C GLY A 65 13.36 -10.94 5.38
N ARG A 66 12.83 -10.69 4.17
CA ARG A 66 13.08 -11.56 3.03
C ARG A 66 13.52 -10.84 1.77
N PHE A 67 13.20 -9.57 1.60
CA PHE A 67 13.71 -8.80 0.47
C PHE A 67 15.09 -8.23 0.79
N THR A 68 15.82 -7.88 -0.28
CA THR A 68 17.16 -7.33 -0.13
C THR A 68 17.45 -6.47 -1.35
N VAL A 69 17.37 -5.16 -1.18
CA VAL A 69 17.66 -4.24 -2.27
C VAL A 69 19.17 -4.17 -2.48
N SER A 70 19.57 -3.85 -3.71
CA SER A 70 20.99 -3.74 -4.04
C SER A 70 21.18 -2.61 -5.03
N ARG A 71 22.21 -1.80 -4.78
CA ARG A 71 22.56 -0.69 -5.67
C ARG A 71 24.00 -0.85 -6.14
N GLU A 72 24.20 -0.67 -7.44
CA GLU A 72 25.53 -0.66 -8.03
C GLU A 72 25.66 0.61 -8.85
N ASN A 73 26.57 1.50 -8.44
CA ASN A 73 26.78 2.75 -9.16
C ASN A 73 27.23 2.48 -10.60
N ALA A 74 27.96 1.39 -10.81
CA ALA A 74 28.32 0.99 -12.16
C ALA A 74 27.09 0.52 -12.92
N LYS A 75 27.10 0.75 -14.23
CA LYS A 75 26.03 0.38 -15.15
C LYS A 75 24.77 1.20 -14.91
N ASN A 76 24.79 2.05 -13.88
CA ASN A 76 23.65 2.90 -13.52
C ASN A 76 22.36 2.07 -13.43
N ALA A 77 22.38 1.05 -12.59
CA ALA A 77 21.26 0.13 -12.50
C ALA A 77 20.96 -0.21 -11.04
N LEU A 78 19.73 0.07 -10.62
CA LEU A 78 19.24 -0.37 -9.33
C LEU A 78 18.80 -1.82 -9.41
N PHE A 79 18.97 -2.55 -8.30
CA PHE A 79 18.61 -3.95 -8.25
C PHE A 79 17.76 -4.21 -7.02
N LEU A 80 16.95 -5.26 -7.10
CA LEU A 80 16.18 -5.75 -5.97
C LEU A 80 16.18 -7.27 -6.00
N GLN A 81 16.58 -7.88 -4.88
CA GLN A 81 16.59 -9.32 -4.74
C GLN A 81 15.51 -9.76 -3.77
N ILE A 82 14.77 -10.80 -4.17
CA ILE A 82 13.65 -11.31 -3.37
C ILE A 82 13.93 -12.76 -3.03
N ASN A 83 13.50 -13.18 -1.85
CA ASN A 83 13.63 -14.55 -1.39
C ASN A 83 12.32 -15.00 -0.76
N GLY A 84 11.87 -16.21 -1.14
CA GLY A 84 10.68 -16.79 -0.57
C GLY A 84 9.42 -16.02 -0.87
N LEU A 85 9.03 -15.97 -2.14
CA LEU A 85 7.81 -15.26 -2.51
C LEU A 85 6.57 -16.05 -2.08
N ARG A 86 5.44 -15.36 -2.03
CA ARG A 86 4.16 -15.97 -1.71
C ARG A 86 3.08 -15.38 -2.60
N ALA A 87 1.84 -15.80 -2.35
CA ALA A 87 0.74 -15.35 -3.19
C ALA A 87 0.42 -13.88 -2.98
N GLY A 88 0.60 -13.38 -1.75
CA GLY A 88 0.28 -11.99 -1.46
C GLY A 88 1.27 -10.98 -2.03
N ASP A 89 2.21 -11.42 -2.85
CA ASP A 89 3.21 -10.53 -3.42
C ASP A 89 3.02 -10.31 -4.92
N THR A 90 1.88 -10.66 -5.47
CA THR A 90 1.61 -10.50 -6.90
C THR A 90 1.36 -9.02 -7.18
N ALA A 91 2.37 -8.32 -7.67
CA ALA A 91 2.25 -6.88 -7.89
C ALA A 91 3.29 -6.41 -8.88
N VAL A 92 3.11 -5.19 -9.36
CA VAL A 92 4.02 -4.57 -10.32
C VAL A 92 4.93 -3.63 -9.54
N TYR A 93 6.22 -3.97 -9.49
CA TYR A 93 7.20 -3.22 -8.70
C TYR A 93 7.74 -2.06 -9.53
N TYR A 94 7.05 -0.93 -9.43
CA TYR A 94 7.46 0.27 -10.16
C TYR A 94 8.72 0.85 -9.56
N CYS A 95 9.76 1.00 -10.38
CA CYS A 95 10.97 1.67 -9.94
C CYS A 95 10.72 3.16 -9.83
N ALA A 96 11.40 3.80 -8.88
CA ALA A 96 11.17 5.21 -8.62
C ALA A 96 12.47 5.87 -8.19
N ARG A 97 12.61 7.15 -8.51
CA ARG A 97 13.78 7.93 -8.14
C ARG A 97 13.38 8.99 -7.11
N GLY A 98 14.23 9.20 -6.11
CA GLY A 98 13.97 10.19 -5.08
C GLY A 98 14.62 11.51 -5.43
N GLY A 99 13.84 12.57 -5.38
CA GLY A 99 14.34 13.88 -5.72
C GLY A 99 15.08 14.54 -4.58
N SER A 100 15.75 15.65 -4.92
CA SER A 100 16.49 16.41 -3.92
C SER A 100 15.54 17.18 -3.02
N GLY A 101 15.89 17.25 -1.74
CA GLY A 101 15.08 17.91 -0.73
C GLY A 101 15.21 17.23 0.61
N GLN A 102 14.38 17.69 1.55
CA GLN A 102 14.40 17.16 2.90
C GLN A 102 13.39 16.05 3.12
N PHE A 103 12.47 15.82 2.19
CA PHE A 103 11.45 14.80 2.34
C PHE A 103 11.45 13.88 1.12
N TRP A 104 10.98 12.66 1.32
CA TRP A 104 10.95 11.67 0.25
C TRP A 104 9.81 11.97 -0.71
N TYR A 105 10.14 12.11 -2.00
CA TYR A 105 9.14 12.26 -3.04
C TYR A 105 9.68 11.65 -4.32
N PHE A 106 8.80 11.00 -5.07
CA PHE A 106 9.18 10.22 -6.24
C PHE A 106 8.82 11.00 -7.49
N ASP A 107 9.84 11.41 -8.25
CA ASP A 107 9.66 12.27 -9.41
C ASP A 107 9.89 11.57 -10.73
N LEU A 108 10.23 10.28 -10.72
CA LEU A 108 10.45 9.54 -11.96
C LEU A 108 10.13 8.08 -11.71
N TRP A 109 9.08 7.60 -12.35
CA TRP A 109 8.62 6.23 -12.18
C TRP A 109 8.92 5.43 -13.45
N GLY A 110 9.31 4.17 -13.25
CA GLY A 110 9.62 3.30 -14.36
C GLY A 110 8.38 2.71 -15.01
N ARG A 111 8.61 1.91 -16.05
CA ARG A 111 7.51 1.25 -16.74
C ARG A 111 6.80 0.24 -15.85
N GLY A 112 7.53 -0.42 -14.96
CA GLY A 112 6.91 -1.37 -14.05
C GLY A 112 7.07 -2.81 -14.47
N THR A 113 7.89 -3.56 -13.75
CA THR A 113 8.02 -4.99 -13.99
C THR A 113 6.94 -5.76 -13.26
N LEU A 114 6.25 -6.63 -13.99
CA LEU A 114 5.14 -7.41 -13.44
C LEU A 114 5.67 -8.72 -12.87
N VAL A 115 5.20 -9.08 -11.68
CA VAL A 115 5.57 -10.34 -11.02
C VAL A 115 4.29 -11.09 -10.68
N THR A 116 4.15 -12.29 -11.24
CA THR A 116 3.01 -13.16 -10.97
C THR A 116 3.52 -14.41 -10.28
N VAL A 117 3.16 -14.58 -9.01
CA VAL A 117 3.68 -15.64 -8.16
C VAL A 117 2.59 -16.71 -8.03
N SER A 118 2.82 -17.87 -8.65
CA SER A 118 1.90 -18.98 -8.57
C SER A 118 2.59 -20.23 -9.13
N SER A 119 2.03 -21.39 -8.80
CA SER A 119 2.55 -22.67 -9.29
C SER A 119 1.64 -23.32 -10.32
N ALA A 120 0.56 -22.65 -10.73
CA ALA A 120 -0.37 -23.19 -11.72
C ALA A 120 0.34 -23.31 -13.05
N SER A 121 0.55 -24.55 -13.47
CA SER A 121 1.24 -24.82 -14.73
C SER A 121 0.42 -24.28 -15.90
N THR A 122 1.09 -24.07 -17.03
CA THR A 122 0.43 -23.52 -18.21
C THR A 122 -0.67 -24.46 -18.71
N LYS A 123 -1.83 -23.88 -19.01
CA LYS A 123 -2.96 -24.64 -19.52
C LYS A 123 -3.65 -23.83 -20.60
N GLY A 124 -4.33 -24.55 -21.50
CA GLY A 124 -5.00 -23.92 -22.61
C GLY A 124 -6.49 -23.73 -22.36
N PRO A 125 -7.03 -22.63 -22.87
CA PRO A 125 -8.46 -22.35 -22.67
C PRO A 125 -9.32 -23.14 -23.64
N SER A 126 -10.63 -22.93 -23.51
CA SER A 126 -11.62 -23.55 -24.37
C SER A 126 -12.52 -22.47 -24.97
N VAL A 127 -13.36 -22.88 -25.93
CA VAL A 127 -14.24 -21.95 -26.63
C VAL A 127 -15.66 -22.15 -26.15
N PHE A 128 -15.82 -22.61 -24.91
CA PHE A 128 -17.13 -22.85 -24.32
C PHE A 128 -17.93 -21.56 -24.20
N THR A 141 -32.13 -6.40 -30.58
CA THR A 141 -30.70 -6.32 -30.31
C THR A 141 -30.30 -7.24 -29.17
N ALA A 142 -29.53 -8.29 -29.49
CA ALA A 142 -29.09 -9.27 -28.51
C ALA A 142 -27.57 -9.26 -28.45
N ALA A 143 -27.02 -10.07 -27.54
CA ALA A 143 -25.58 -10.14 -27.37
C ALA A 143 -25.19 -11.54 -26.92
N LEU A 144 -24.14 -12.07 -27.54
CA LEU A 144 -23.63 -13.38 -27.20
C LEU A 144 -22.12 -13.34 -27.30
N GLY A 145 -21.48 -14.45 -26.93
CA GLY A 145 -20.03 -14.50 -26.97
C GLY A 145 -19.52 -15.91 -26.76
N CYS A 146 -18.21 -15.98 -26.55
CA CYS A 146 -17.50 -17.25 -26.37
C CYS A 146 -16.73 -17.16 -25.06
N LEU A 147 -17.28 -17.76 -24.00
CA LEU A 147 -16.67 -17.71 -22.68
C LEU A 147 -15.31 -18.38 -22.70
N VAL A 148 -14.24 -17.60 -22.52
CA VAL A 148 -12.89 -18.14 -22.53
C VAL A 148 -12.53 -18.57 -21.12
N LYS A 149 -12.95 -19.78 -20.74
CA LYS A 149 -12.61 -20.33 -19.45
C LYS A 149 -11.24 -21.01 -19.53
N ASP A 150 -10.68 -21.29 -18.35
CA ASP A 150 -9.37 -21.97 -18.24
C ASP A 150 -8.27 -21.17 -18.93
N TYR A 151 -8.27 -19.86 -18.77
CA TYR A 151 -7.31 -19.01 -19.44
C TYR A 151 -6.03 -18.88 -18.60
N PHE A 152 -5.15 -18.00 -19.05
CA PHE A 152 -3.89 -17.67 -18.41
C PHE A 152 -3.57 -16.20 -18.63
N PRO A 153 -2.88 -15.55 -17.69
CA PRO A 153 -2.48 -14.15 -17.91
C PRO A 153 -1.74 -13.99 -19.22
N GLU A 154 -2.27 -13.11 -20.08
CA GLU A 154 -1.78 -12.98 -21.44
C GLU A 154 -1.50 -11.53 -21.80
N PRO A 155 -0.66 -11.27 -22.82
CA PRO A 155 -0.53 -9.92 -23.36
C PRO A 155 -1.46 -9.61 -24.53
N VAL A 156 -2.13 -10.61 -25.09
CA VAL A 156 -3.02 -10.42 -26.23
C VAL A 156 -4.36 -11.07 -25.90
N THR A 157 -5.44 -10.46 -26.39
CA THR A 157 -6.79 -10.87 -26.05
C THR A 157 -7.51 -11.38 -27.30
N VAL A 158 -8.72 -11.89 -27.07
CA VAL A 158 -9.54 -12.50 -28.12
C VAL A 158 -10.05 -11.44 -29.08
N SER A 159 -9.99 -11.75 -30.38
CA SER A 159 -10.54 -10.88 -31.41
C SER A 159 -11.44 -11.70 -32.30
N TRP A 160 -12.65 -11.19 -32.52
CA TRP A 160 -13.69 -11.92 -33.27
C TRP A 160 -13.30 -11.97 -34.74
N ASN A 161 -12.76 -13.11 -35.16
CA ASN A 161 -12.35 -13.35 -36.55
C ASN A 161 -11.38 -12.27 -37.03
N SER A 162 -10.24 -12.21 -36.35
CA SER A 162 -9.19 -11.22 -36.61
C SER A 162 -9.69 -9.80 -36.44
N GLY A 163 -10.75 -9.61 -35.67
CA GLY A 163 -11.31 -8.28 -35.49
C GLY A 163 -12.09 -7.76 -36.68
N ALA A 164 -12.93 -8.62 -37.28
CA ALA A 164 -13.71 -8.18 -38.43
C ALA A 164 -14.78 -7.17 -38.06
N LEU A 165 -15.23 -7.17 -36.81
CA LEU A 165 -16.23 -6.22 -36.35
C LEU A 165 -15.83 -5.73 -34.96
N THR A 166 -15.82 -4.40 -34.78
CA THR A 166 -15.49 -3.81 -33.49
C THR A 166 -16.53 -2.81 -33.01
N SER A 167 -17.77 -2.88 -33.50
CA SER A 167 -18.78 -1.92 -33.10
C SER A 167 -19.31 -2.24 -31.71
N GLY A 168 -19.85 -3.43 -31.51
CA GLY A 168 -20.45 -3.81 -30.25
C GLY A 168 -19.72 -4.89 -29.47
N VAL A 169 -18.45 -5.14 -29.77
CA VAL A 169 -17.70 -6.18 -29.07
C VAL A 169 -17.21 -5.65 -27.74
N HIS A 170 -17.49 -6.40 -26.66
CA HIS A 170 -17.00 -6.08 -25.34
C HIS A 170 -16.03 -7.16 -24.88
N THR A 171 -14.86 -6.73 -24.43
CA THR A 171 -13.84 -7.66 -23.95
C THR A 171 -13.54 -7.29 -22.50
N PHE A 172 -14.15 -8.02 -21.57
CA PHE A 172 -13.97 -7.72 -20.17
C PHE A 172 -12.55 -8.07 -19.72
N PRO A 173 -12.01 -7.36 -18.74
CA PRO A 173 -10.69 -7.73 -18.21
C PRO A 173 -10.70 -9.12 -17.61
N ALA A 174 -9.51 -9.68 -17.41
CA ALA A 174 -9.37 -11.04 -16.93
C ALA A 174 -9.90 -11.17 -15.50
N VAL A 175 -10.35 -12.38 -15.17
CA VAL A 175 -10.81 -12.72 -13.84
C VAL A 175 -10.15 -14.04 -13.42
N LEU A 176 -10.05 -14.24 -12.12
CA LEU A 176 -9.39 -15.40 -11.55
C LEU A 176 -10.43 -16.42 -11.09
N GLN A 177 -10.30 -17.65 -11.58
CA GLN A 177 -11.20 -18.72 -11.17
C GLN A 177 -10.70 -19.37 -9.88
N SER A 178 -11.51 -20.27 -9.34
CA SER A 178 -11.16 -20.94 -8.09
C SER A 178 -9.96 -21.86 -8.26
N SER A 179 -9.84 -22.50 -9.42
CA SER A 179 -8.73 -23.42 -9.64
C SER A 179 -7.40 -22.72 -9.88
N GLY A 180 -7.38 -21.39 -9.87
CA GLY A 180 -6.17 -20.63 -10.11
C GLY A 180 -5.98 -20.17 -11.54
N LEU A 181 -6.80 -20.65 -12.48
CA LEU A 181 -6.70 -20.20 -13.86
C LEU A 181 -7.49 -18.92 -14.07
N TYR A 182 -7.03 -18.12 -15.03
CA TYR A 182 -7.77 -16.92 -15.39
C TYR A 182 -8.92 -17.26 -16.34
N SER A 183 -9.66 -16.23 -16.74
CA SER A 183 -10.80 -16.42 -17.62
C SER A 183 -11.09 -15.12 -18.37
N LEU A 184 -11.76 -15.25 -19.51
CA LEU A 184 -12.19 -14.12 -20.31
C LEU A 184 -13.61 -14.36 -20.78
N SER A 185 -14.36 -13.27 -20.96
CA SER A 185 -15.78 -13.40 -21.30
C SER A 185 -16.17 -12.45 -22.42
N SER A 186 -15.40 -12.44 -23.51
CA SER A 186 -15.64 -11.51 -24.60
C SER A 186 -17.02 -11.74 -25.21
N VAL A 187 -17.78 -10.65 -25.35
CA VAL A 187 -19.12 -10.70 -25.93
C VAL A 187 -19.21 -9.66 -27.05
N VAL A 188 -20.24 -9.79 -27.87
CA VAL A 188 -20.48 -8.91 -29.01
C VAL A 188 -21.95 -8.53 -29.04
N THR A 189 -22.22 -7.26 -29.29
CA THR A 189 -23.58 -6.75 -29.42
C THR A 189 -24.00 -6.79 -30.89
N VAL A 190 -25.07 -7.54 -31.18
CA VAL A 190 -25.51 -7.75 -32.55
C VAL A 190 -26.96 -7.32 -32.69
N PRO A 191 -27.33 -6.83 -33.87
CA PRO A 191 -28.73 -6.44 -34.09
C PRO A 191 -29.64 -7.65 -34.12
N SER A 192 -30.77 -7.53 -33.41
CA SER A 192 -31.71 -8.66 -33.35
C SER A 192 -33.17 -8.22 -33.46
N SER A 193 -33.47 -7.04 -33.98
CA SER A 193 -34.85 -6.58 -34.08
C SER A 193 -35.61 -7.31 -35.18
N THR A 199 -24.29 -16.27 -35.64
CA THR A 199 -23.79 -16.84 -36.88
C THR A 199 -22.35 -16.41 -37.14
N TYR A 200 -21.85 -15.49 -36.33
CA TYR A 200 -20.48 -15.02 -36.47
C TYR A 200 -19.51 -16.04 -35.88
N ILE A 201 -18.22 -15.71 -35.97
CA ILE A 201 -17.15 -16.61 -35.54
C ILE A 201 -16.24 -15.85 -34.57
N CYS A 202 -15.96 -16.48 -33.43
CA CYS A 202 -15.05 -15.92 -32.43
C CYS A 202 -13.70 -16.61 -32.53
N ASN A 203 -12.63 -15.82 -32.50
CA ASN A 203 -11.27 -16.34 -32.63
C ASN A 203 -10.48 -16.02 -31.37
N VAL A 204 -10.21 -17.03 -30.55
CA VAL A 204 -9.48 -16.87 -29.30
C VAL A 204 -7.99 -16.76 -29.61
N ASN A 205 -7.31 -15.85 -28.89
CA ASN A 205 -5.89 -15.63 -29.07
C ASN A 205 -5.15 -16.20 -27.87
N HIS A 206 -4.34 -17.23 -28.11
CA HIS A 206 -3.52 -17.87 -27.08
C HIS A 206 -2.06 -17.89 -27.51
N LYS A 207 -1.57 -16.74 -27.99
CA LYS A 207 -0.21 -16.57 -28.49
C LYS A 207 0.88 -17.00 -27.50
N PRO A 208 0.79 -16.67 -26.21
CA PRO A 208 1.88 -17.06 -25.28
C PRO A 208 2.13 -18.56 -25.22
N SER A 209 1.24 -19.39 -25.73
CA SER A 209 1.46 -20.82 -25.81
C SER A 209 1.29 -21.31 -27.25
N ASN A 210 1.23 -20.39 -28.20
CA ASN A 210 1.11 -20.71 -29.62
C ASN A 210 -0.13 -21.56 -29.90
N THR A 211 -1.30 -20.98 -29.62
CA THR A 211 -2.57 -21.67 -29.80
C THR A 211 -3.62 -20.69 -30.30
N LYS A 212 -4.50 -21.18 -31.17
CA LYS A 212 -5.58 -20.37 -31.71
C LYS A 212 -6.70 -21.29 -32.18
N VAL A 213 -7.94 -20.84 -31.95
CA VAL A 213 -9.13 -21.63 -32.27
C VAL A 213 -10.20 -20.70 -32.80
N ASP A 214 -11.28 -21.30 -33.30
CA ASP A 214 -12.41 -20.54 -33.81
C ASP A 214 -13.69 -21.35 -33.61
N LYS A 215 -14.80 -20.65 -33.49
CA LYS A 215 -16.10 -21.29 -33.27
C LYS A 215 -17.21 -20.34 -33.68
N ARG A 216 -18.24 -20.90 -34.31
CA ARG A 216 -19.39 -20.11 -34.76
C ARG A 216 -20.41 -19.99 -33.63
N VAL A 217 -21.19 -18.91 -33.66
CA VAL A 217 -22.09 -18.58 -32.56
C VAL A 217 -23.55 -18.56 -33.02
N GLU A 218 -23.92 -19.39 -34.00
CA GLU A 218 -25.30 -19.45 -34.43
C GLU A 218 -26.15 -20.15 -33.37
N PRO A 219 -27.14 -19.45 -32.78
CA PRO A 219 -27.97 -20.00 -31.70
C PRO A 219 -28.86 -21.16 -32.15
N ASP B 1 2.08 2.19 9.96
CA ASP B 1 1.20 2.38 11.10
C ASP B 1 0.37 3.66 10.95
N ILE B 2 0.94 4.66 10.29
CA ILE B 2 0.26 5.93 10.08
C ILE B 2 -0.72 5.77 8.92
N GLN B 3 -1.99 5.97 9.19
CA GLN B 3 -3.03 5.82 8.17
C GLN B 3 -3.14 7.06 7.30
N MET B 4 -3.67 6.86 6.10
CA MET B 4 -3.82 7.92 5.11
C MET B 4 -5.20 7.85 4.47
N THR B 5 -6.24 7.77 5.31
CA THR B 5 -7.61 7.65 4.85
C THR B 5 -8.00 8.78 3.91
N GLN B 6 -8.38 8.44 2.68
CA GLN B 6 -8.75 9.42 1.68
C GLN B 6 -10.27 9.51 1.56
N SER B 7 -10.73 10.54 0.83
CA SER B 7 -12.15 10.70 0.58
C SER B 7 -12.66 9.54 -0.28
N PRO B 8 -13.99 9.30 -0.27
CA PRO B 8 -14.55 8.24 -1.13
C PRO B 8 -14.15 8.40 -2.58
N SER B 9 -13.73 7.31 -3.20
CA SER B 9 -13.24 7.36 -4.57
C SER B 9 -14.34 7.71 -5.57
N SER B 10 -15.60 7.46 -5.23
CA SER B 10 -16.71 7.69 -6.14
C SER B 10 -16.96 9.19 -6.22
N LEU B 11 -16.20 9.87 -7.09
CA LEU B 11 -16.32 11.31 -7.30
C LEU B 11 -16.37 11.57 -8.80
N SER B 12 -17.58 11.55 -9.35
CA SER B 12 -17.77 11.81 -10.77
C SER B 12 -17.92 13.31 -11.03
N ALA B 13 -17.43 13.74 -12.19
CA ALA B 13 -17.54 15.14 -12.61
C ALA B 13 -17.28 15.23 -14.10
N SER B 14 -17.88 16.23 -14.72
CA SER B 14 -17.66 16.50 -16.14
C SER B 14 -16.47 17.46 -16.31
N LEU B 15 -16.30 17.94 -17.55
CA LEU B 15 -15.24 18.89 -17.83
C LEU B 15 -15.49 20.21 -17.10
N GLY B 16 -14.39 20.87 -16.72
CA GLY B 16 -14.45 22.17 -16.09
C GLY B 16 -14.86 22.16 -14.63
N ASP B 17 -15.36 21.04 -14.11
CA ASP B 17 -15.84 21.01 -12.74
C ASP B 17 -14.70 21.21 -11.76
N ARG B 18 -15.00 21.93 -10.67
CA ARG B 18 -14.00 22.19 -9.64
C ARG B 18 -13.87 21.00 -8.70
N VAL B 19 -13.24 19.93 -9.19
CA VAL B 19 -13.10 18.72 -8.39
C VAL B 19 -12.16 19.00 -7.21
N THR B 20 -12.53 18.50 -6.04
CA THR B 20 -11.78 18.71 -4.80
C THR B 20 -11.47 17.35 -4.18
N ILE B 21 -10.25 16.87 -4.39
CA ILE B 21 -9.84 15.58 -3.86
C ILE B 21 -9.23 15.80 -2.48
N THR B 22 -9.94 15.39 -1.44
CA THR B 22 -9.52 15.59 -0.07
C THR B 22 -8.91 14.31 0.49
N CYS B 23 -7.78 14.45 1.17
CA CYS B 23 -7.07 13.32 1.75
C CYS B 23 -6.48 13.74 3.08
N ARG B 24 -6.75 12.94 4.11
CA ARG B 24 -6.31 13.25 5.46
C ARG B 24 -5.53 12.06 6.02
N ALA B 25 -4.88 12.30 7.15
CA ALA B 25 -4.04 11.30 7.79
C ALA B 25 -4.47 11.10 9.23
N SER B 26 -3.73 10.23 9.93
CA SER B 26 -4.03 9.95 11.33
C SER B 26 -3.52 11.02 12.27
N GLN B 27 -2.46 11.74 11.92
CA GLN B 27 -1.98 12.85 12.73
C GLN B 27 -1.31 13.86 11.83
N THR B 28 -0.72 14.88 12.44
CA THR B 28 -0.08 15.95 11.70
C THR B 28 1.13 15.43 10.94
N ILE B 29 1.20 15.77 9.64
CA ILE B 29 2.29 15.34 8.80
C ILE B 29 2.96 16.57 8.19
N GLY B 30 2.54 17.76 8.64
CA GLY B 30 3.15 18.98 8.14
C GLY B 30 2.84 19.20 6.68
N ARG B 31 3.85 19.68 5.95
CA ARG B 31 3.73 19.87 4.51
C ARG B 31 4.36 18.75 3.71
N PHE B 32 4.48 17.56 4.29
CA PHE B 32 5.14 16.44 3.65
C PHE B 32 4.20 15.55 2.84
N LEU B 33 2.97 15.99 2.64
CA LEU B 33 2.04 15.22 1.81
C LEU B 33 2.27 15.54 0.34
N ASN B 34 2.14 14.52 -0.50
CA ASN B 34 2.32 14.68 -1.94
C ASN B 34 1.36 13.74 -2.68
N TRP B 35 0.86 14.21 -3.81
CA TRP B 35 -0.14 13.48 -4.60
C TRP B 35 0.54 12.71 -5.72
N TYR B 36 -0.20 11.77 -6.29
CA TYR B 36 0.25 11.01 -7.44
C TYR B 36 -0.94 10.74 -8.36
N GLN B 37 -0.70 10.89 -9.67
CA GLN B 37 -1.74 10.72 -10.67
C GLN B 37 -1.41 9.53 -11.55
N GLN B 38 -2.33 8.57 -11.61
CA GLN B 38 -2.11 7.32 -12.33
C GLN B 38 -3.30 7.05 -13.23
N LYS B 39 -3.07 7.11 -14.53
CA LYS B 39 -4.07 6.63 -15.48
C LYS B 39 -3.89 5.12 -15.64
N PRO B 40 -4.96 4.34 -15.55
CA PRO B 40 -4.79 2.88 -15.58
C PRO B 40 -4.45 2.35 -16.95
N GLY B 41 -3.48 2.97 -17.61
CA GLY B 41 -2.95 2.50 -18.87
C GLY B 41 -1.47 2.77 -19.00
N LYS B 42 -0.85 3.24 -17.93
CA LYS B 42 0.55 3.66 -17.96
C LYS B 42 1.08 3.69 -16.53
N ALA B 43 2.26 4.28 -16.37
CA ALA B 43 2.93 4.31 -15.09
C ALA B 43 2.44 5.48 -14.25
N PRO B 44 2.61 5.41 -12.92
CA PRO B 44 2.22 6.54 -12.07
C PRO B 44 3.06 7.77 -12.34
N LYS B 45 2.58 8.90 -11.83
CA LYS B 45 3.27 10.17 -11.96
C LYS B 45 2.79 11.11 -10.86
N LEU B 46 3.69 11.96 -10.38
CA LEU B 46 3.37 12.86 -9.29
C LEU B 46 2.77 14.16 -9.82
N LEU B 47 1.99 14.82 -8.99
CA LEU B 47 1.41 16.12 -9.30
C LEU B 47 1.90 17.24 -8.41
N ILE B 48 1.83 17.08 -7.10
CA ILE B 48 2.20 18.12 -6.15
C ILE B 48 3.18 17.53 -5.14
N TYR B 49 4.33 18.18 -4.99
CA TYR B 49 5.32 17.78 -3.99
C TYR B 49 5.41 18.87 -2.94
N GLY B 50 5.62 18.46 -1.70
CA GLY B 50 5.61 19.41 -0.60
C GLY B 50 4.26 20.00 -0.31
N ALA B 51 3.21 19.44 -0.93
CA ALA B 51 1.81 19.81 -0.71
C ALA B 51 1.47 21.20 -1.23
N SER B 52 2.46 21.95 -1.72
CA SER B 52 2.17 23.27 -2.26
C SER B 52 2.98 23.60 -3.49
N SER B 53 3.89 22.70 -3.90
CA SER B 53 4.82 23.02 -4.96
C SER B 53 4.43 22.29 -6.24
N LEU B 54 4.22 23.05 -7.31
CA LEU B 54 3.78 22.49 -8.59
C LEU B 54 4.92 21.72 -9.25
N GLN B 55 4.59 20.56 -9.81
CA GLN B 55 5.59 19.76 -10.50
C GLN B 55 5.87 20.33 -11.88
N ILE B 56 7.12 20.18 -12.32
CA ILE B 56 7.53 20.64 -13.65
C ILE B 56 6.72 19.90 -14.70
N GLY B 57 6.04 20.66 -15.56
CA GLY B 57 5.17 20.08 -16.57
C GLY B 57 3.74 19.89 -16.15
N VAL B 58 3.34 20.43 -15.00
CA VAL B 58 1.98 20.33 -14.49
C VAL B 58 1.37 21.73 -14.54
N PRO B 59 0.19 21.90 -15.15
CA PRO B 59 -0.39 23.24 -15.29
C PRO B 59 -0.77 23.85 -13.95
N SER B 60 -1.28 25.08 -14.01
CA SER B 60 -1.62 25.82 -12.80
C SER B 60 -2.98 25.43 -12.23
N ARG B 61 -3.81 24.72 -13.01
CA ARG B 61 -5.11 24.30 -12.49
C ARG B 61 -4.98 23.24 -11.41
N PHE B 62 -3.88 22.49 -11.38
CA PHE B 62 -3.63 21.53 -10.31
C PHE B 62 -3.12 22.29 -9.08
N SER B 63 -4.06 22.87 -8.35
CA SER B 63 -3.76 23.78 -7.26
C SER B 63 -3.78 23.06 -5.92
N GLY B 64 -3.36 21.80 -5.89
CA GLY B 64 -3.32 21.03 -4.67
C GLY B 64 -2.54 21.71 -3.56
N SER B 65 -3.25 22.17 -2.52
CA SER B 65 -2.61 22.87 -1.42
C SER B 65 -3.28 22.46 -0.12
N GLY B 66 -2.64 22.80 0.98
CA GLY B 66 -3.16 22.45 2.29
C GLY B 66 -2.14 22.78 3.36
N SER B 67 -2.51 22.46 4.59
CA SER B 67 -1.64 22.76 5.73
C SER B 67 -2.03 21.87 6.91
N GLY B 68 -1.02 21.23 7.48
CA GLY B 68 -1.19 20.47 8.71
C GLY B 68 -1.73 19.06 8.54
N THR B 69 -3.04 18.93 8.35
CA THR B 69 -3.67 17.61 8.25
C THR B 69 -4.71 17.56 7.15
N ASP B 70 -4.96 18.68 6.49
CA ASP B 70 -6.02 18.77 5.48
C ASP B 70 -5.41 19.20 4.16
N PHE B 71 -5.74 18.48 3.10
CA PHE B 71 -5.20 18.76 1.78
C PHE B 71 -6.28 18.51 0.74
N THR B 72 -6.25 19.32 -0.32
CA THR B 72 -7.24 19.26 -1.38
C THR B 72 -6.53 19.43 -2.73
N LEU B 73 -6.41 18.33 -3.48
CA LEU B 73 -5.86 18.39 -4.83
C LEU B 73 -6.94 18.91 -5.78
N THR B 74 -7.26 20.19 -5.62
CA THR B 74 -8.37 20.78 -6.33
C THR B 74 -7.98 21.11 -7.77
N ILE B 75 -8.86 20.77 -8.71
CA ILE B 75 -8.70 21.10 -10.11
C ILE B 75 -9.89 21.96 -10.51
N SER B 76 -9.66 23.27 -10.65
CA SER B 76 -10.76 24.19 -10.92
C SER B 76 -11.45 23.89 -12.24
N SER B 77 -10.70 23.43 -13.24
CA SER B 77 -11.28 23.09 -14.54
C SER B 77 -10.59 21.83 -15.04
N LEU B 78 -11.38 20.85 -15.49
CA LEU B 78 -10.82 19.56 -15.87
C LEU B 78 -10.39 19.58 -17.34
N GLN B 79 -9.84 18.46 -17.77
CA GLN B 79 -9.43 18.19 -19.14
C GLN B 79 -9.64 16.71 -19.43
N PRO B 80 -9.83 16.34 -20.69
CA PRO B 80 -9.93 14.91 -21.02
C PRO B 80 -8.73 14.10 -20.60
N GLU B 81 -7.56 14.73 -20.44
CA GLU B 81 -6.37 14.02 -20.01
C GLU B 81 -6.23 13.98 -18.50
N ASP B 82 -7.22 14.52 -17.76
CA ASP B 82 -7.15 14.53 -16.30
C ASP B 82 -7.88 13.35 -15.68
N PHE B 83 -8.74 12.67 -16.42
CA PHE B 83 -9.54 11.57 -15.87
C PHE B 83 -8.63 10.39 -15.57
N ALA B 84 -8.38 10.15 -14.28
CA ALA B 84 -7.49 9.08 -13.84
C ALA B 84 -7.71 8.87 -12.35
N THR B 85 -6.84 8.06 -11.75
CA THR B 85 -6.85 7.82 -10.31
C THR B 85 -5.76 8.64 -9.65
N TYR B 86 -6.04 9.12 -8.44
CA TYR B 86 -5.14 10.02 -7.72
C TYR B 86 -4.85 9.45 -6.34
N TYR B 87 -3.57 9.43 -5.96
CA TYR B 87 -3.12 8.84 -4.72
C TYR B 87 -2.32 9.86 -3.91
N CYS B 88 -2.61 9.94 -2.62
CA CYS B 88 -1.86 10.81 -1.71
C CYS B 88 -0.84 9.99 -0.93
N GLN B 89 0.27 10.64 -0.59
CA GLN B 89 1.36 10.01 0.15
C GLN B 89 1.92 10.98 1.17
N GLN B 90 2.23 10.47 2.35
CA GLN B 90 2.81 11.26 3.44
C GLN B 90 4.29 10.96 3.57
N SER B 91 5.07 12.00 3.88
CA SER B 91 6.51 11.87 4.02
C SER B 91 6.97 12.31 5.41
N TYR B 92 6.04 12.47 6.35
CA TYR B 92 6.42 12.79 7.72
C TYR B 92 7.18 11.62 8.36
N SER B 93 6.64 10.41 8.24
CA SER B 93 7.38 9.22 8.63
C SER B 93 8.16 8.72 7.43
N MET B 94 9.48 8.78 7.54
CA MET B 94 10.31 8.56 6.37
C MET B 94 10.36 7.07 5.97
N PRO B 95 10.74 6.14 6.84
CA PRO B 95 10.81 4.74 6.41
C PRO B 95 9.44 4.19 6.05
N PRO B 96 8.42 4.28 6.94
CA PRO B 96 7.13 3.75 6.47
C PRO B 96 6.30 4.80 5.74
N VAL B 97 6.77 5.21 4.56
CA VAL B 97 6.00 6.12 3.73
C VAL B 97 4.76 5.40 3.21
N THR B 98 3.59 5.89 3.59
CA THR B 98 2.33 5.21 3.31
C THR B 98 1.54 6.00 2.28
N PHE B 99 0.67 5.29 1.57
CA PHE B 99 -0.20 5.87 0.56
C PHE B 99 -1.66 5.77 0.99
N GLY B 100 -2.55 6.31 0.16
CA GLY B 100 -3.97 6.16 0.36
C GLY B 100 -4.57 5.11 -0.56
N GLN B 101 -5.90 4.97 -0.48
CA GLN B 101 -6.58 4.00 -1.32
C GLN B 101 -6.85 4.49 -2.73
N GLY B 102 -6.94 5.81 -2.94
CA GLY B 102 -7.10 6.37 -4.26
C GLY B 102 -8.49 6.92 -4.49
N THR B 103 -8.62 7.65 -5.60
CA THR B 103 -9.88 8.24 -6.01
C THR B 103 -9.90 8.32 -7.54
N ARG B 104 -10.97 7.82 -8.14
CA ARG B 104 -11.06 7.68 -9.59
C ARG B 104 -11.87 8.83 -10.18
N LEU B 105 -11.28 9.54 -11.13
CA LEU B 105 -11.95 10.62 -11.84
C LEU B 105 -12.52 10.08 -13.14
N GLU B 106 -13.86 10.04 -13.23
CA GLU B 106 -14.53 9.44 -14.36
C GLU B 106 -15.35 10.50 -15.08
N ILE B 107 -15.57 10.28 -16.38
CA ILE B 107 -16.31 11.22 -17.21
C ILE B 107 -17.79 11.06 -16.92
N LYS B 108 -18.47 12.19 -16.69
CA LYS B 108 -19.89 12.16 -16.39
C LYS B 108 -20.73 12.31 -17.65
N ARG B 109 -21.82 11.54 -17.71
CA ARG B 109 -22.77 11.61 -18.81
C ARG B 109 -24.17 11.37 -18.24
N THR B 110 -25.13 11.14 -19.14
CA THR B 110 -26.48 10.84 -18.70
C THR B 110 -26.58 9.39 -18.23
N VAL B 111 -27.57 9.13 -17.37
CA VAL B 111 -27.83 7.79 -16.87
C VAL B 111 -28.23 6.89 -18.04
N ALA B 112 -27.38 5.91 -18.36
CA ALA B 112 -27.59 5.06 -19.53
C ALA B 112 -28.33 3.79 -19.11
N ALA B 113 -29.32 3.40 -19.89
CA ALA B 113 -30.10 2.21 -19.56
C ALA B 113 -29.35 0.96 -19.97
N PRO B 114 -29.28 -0.05 -19.10
CA PRO B 114 -28.58 -1.29 -19.44
C PRO B 114 -29.48 -2.28 -20.15
N SER B 115 -28.84 -3.13 -20.96
CA SER B 115 -29.51 -4.22 -21.65
C SER B 115 -29.02 -5.53 -21.06
N VAL B 116 -29.88 -6.18 -20.28
CA VAL B 116 -29.50 -7.36 -19.50
C VAL B 116 -29.82 -8.60 -20.32
N PHE B 117 -28.92 -9.59 -20.27
CA PHE B 117 -29.10 -10.84 -20.99
C PHE B 117 -28.58 -11.99 -20.14
N ILE B 118 -29.30 -13.10 -20.19
CA ILE B 118 -28.88 -14.32 -19.50
C ILE B 118 -29.25 -15.52 -20.36
N PHE B 119 -28.22 -16.24 -20.84
CA PHE B 119 -28.40 -17.28 -21.85
C PHE B 119 -27.84 -18.59 -21.35
N PRO B 120 -28.57 -19.70 -21.50
CA PRO B 120 -28.06 -20.98 -20.99
C PRO B 120 -26.92 -21.49 -21.84
N PRO B 121 -26.02 -22.28 -21.26
CA PRO B 121 -24.91 -22.82 -22.05
C PRO B 121 -25.36 -23.94 -22.97
N SER B 122 -24.79 -23.96 -24.17
CA SER B 122 -25.14 -25.00 -25.14
C SER B 122 -24.42 -26.31 -24.80
N ASP B 123 -24.51 -27.26 -25.73
CA ASP B 123 -23.87 -28.56 -25.51
C ASP B 123 -22.35 -28.43 -25.52
N GLU B 124 -21.83 -27.40 -26.17
CA GLU B 124 -20.38 -27.20 -26.19
C GLU B 124 -19.82 -26.99 -24.79
N GLN B 125 -20.50 -26.19 -23.96
CA GLN B 125 -20.07 -26.02 -22.58
C GLN B 125 -20.52 -27.17 -21.70
N LEU B 126 -21.64 -27.81 -22.04
CA LEU B 126 -22.07 -29.00 -21.31
C LEU B 126 -21.10 -30.16 -21.48
N LYS B 127 -20.29 -30.15 -22.53
CA LYS B 127 -19.22 -31.13 -22.66
C LYS B 127 -18.32 -31.11 -21.43
N SER B 128 -18.10 -29.94 -20.84
CA SER B 128 -17.46 -29.81 -19.54
C SER B 128 -18.54 -29.97 -18.48
N GLY B 129 -18.39 -30.99 -17.61
CA GLY B 129 -19.41 -31.26 -16.61
C GLY B 129 -19.57 -30.16 -15.60
N THR B 130 -18.46 -29.58 -15.12
CA THR B 130 -18.50 -28.48 -14.17
C THR B 130 -18.68 -27.18 -14.93
N ALA B 131 -19.92 -26.94 -15.35
CA ALA B 131 -20.25 -25.76 -16.14
C ALA B 131 -20.22 -24.52 -15.27
N SER B 132 -20.54 -23.38 -15.88
CA SER B 132 -20.54 -22.11 -15.17
C SER B 132 -21.73 -21.27 -15.65
N VAL B 133 -22.31 -20.53 -14.72
CA VAL B 133 -23.45 -19.67 -15.02
C VAL B 133 -22.94 -18.35 -15.57
N VAL B 134 -23.70 -17.75 -16.49
CA VAL B 134 -23.31 -16.51 -17.14
C VAL B 134 -24.45 -15.50 -17.04
N CYS B 135 -24.08 -14.22 -17.12
CA CYS B 135 -25.03 -13.12 -17.15
C CYS B 135 -24.33 -11.93 -17.77
N LEU B 136 -25.11 -11.01 -18.34
CA LEU B 136 -24.53 -9.89 -19.08
C LEU B 136 -25.30 -8.61 -18.79
N LEU B 137 -24.56 -7.51 -18.64
CA LEU B 137 -25.12 -6.17 -18.42
C LEU B 137 -24.21 -5.20 -19.16
N ASN B 138 -24.75 -4.58 -20.22
CA ASN B 138 -23.94 -3.68 -21.03
C ASN B 138 -24.51 -2.26 -21.01
N ASN B 139 -23.62 -1.29 -21.19
CA ASN B 139 -23.98 0.12 -21.40
C ASN B 139 -24.79 0.67 -20.23
N PHE B 140 -24.15 0.75 -19.06
CA PHE B 140 -24.76 1.39 -17.91
C PHE B 140 -23.81 2.42 -17.31
N TYR B 141 -24.32 3.64 -17.10
CA TYR B 141 -23.48 4.73 -16.62
C TYR B 141 -23.22 4.64 -15.11
N PRO B 142 -24.25 4.52 -14.24
CA PRO B 142 -23.96 4.40 -12.81
C PRO B 142 -23.19 3.13 -12.50
N ARG B 143 -21.94 3.30 -12.07
CA ARG B 143 -21.05 2.15 -11.87
C ARG B 143 -21.33 1.42 -10.56
N GLU B 144 -22.41 1.76 -9.86
CA GLU B 144 -22.73 1.13 -8.58
C GLU B 144 -23.78 0.04 -8.75
N ALA B 145 -23.82 -0.57 -9.94
CA ALA B 145 -24.77 -1.64 -10.17
C ALA B 145 -24.40 -2.87 -9.34
N LYS B 146 -25.38 -3.76 -9.17
CA LYS B 146 -25.16 -4.97 -8.40
C LYS B 146 -25.96 -6.12 -9.02
N VAL B 147 -25.33 -7.29 -9.08
CA VAL B 147 -25.93 -8.49 -9.63
C VAL B 147 -26.16 -9.48 -8.51
N GLN B 148 -27.34 -10.09 -8.49
CA GLN B 148 -27.72 -11.02 -7.43
C GLN B 148 -28.03 -12.37 -8.04
N TRP B 149 -27.66 -13.44 -7.32
CA TRP B 149 -27.82 -14.79 -7.84
C TRP B 149 -28.71 -15.64 -6.94
N LYS B 150 -29.86 -15.11 -6.55
CA LYS B 150 -30.85 -15.89 -5.80
C LYS B 150 -31.48 -16.88 -6.77
N VAL B 151 -30.92 -18.10 -6.77
CA VAL B 151 -31.29 -19.08 -7.78
C VAL B 151 -32.71 -19.56 -7.56
N ASP B 152 -33.47 -19.63 -8.66
CA ASP B 152 -34.84 -20.17 -8.66
C ASP B 152 -35.74 -19.41 -7.70
N ASN B 153 -35.55 -18.09 -7.63
CA ASN B 153 -36.36 -17.22 -6.78
C ASN B 153 -36.33 -17.68 -5.31
N GLY B 158 -20.97 -21.99 -4.63
CA GLY B 158 -20.16 -21.83 -5.82
C GLY B 158 -20.08 -20.40 -6.31
N ASN B 159 -19.89 -19.47 -5.37
CA ASN B 159 -19.80 -18.06 -5.72
C ASN B 159 -18.52 -17.78 -6.51
N SER B 160 -18.61 -16.82 -7.41
CA SER B 160 -17.45 -16.42 -8.22
C SER B 160 -17.52 -14.92 -8.46
N GLN B 161 -16.41 -14.37 -8.95
CA GLN B 161 -16.28 -12.94 -9.10
C GLN B 161 -16.98 -12.45 -10.37
N GLU B 162 -16.87 -11.15 -10.62
CA GLU B 162 -17.39 -10.52 -11.83
C GLU B 162 -16.44 -9.41 -12.25
N SER B 163 -16.50 -9.04 -13.53
CA SER B 163 -15.60 -8.05 -14.10
C SER B 163 -16.38 -6.85 -14.62
N VAL B 164 -15.83 -5.66 -14.43
CA VAL B 164 -16.43 -4.41 -14.90
C VAL B 164 -15.43 -3.74 -15.83
N THR B 165 -15.91 -3.37 -17.02
CA THR B 165 -15.04 -2.74 -18.00
C THR B 165 -14.83 -1.26 -17.68
N GLU B 166 -13.80 -0.69 -18.30
CA GLU B 166 -13.54 0.74 -18.16
C GLU B 166 -14.60 1.55 -18.90
N GLN B 167 -14.56 2.85 -18.69
CA GLN B 167 -15.51 3.75 -19.35
C GLN B 167 -15.21 3.83 -20.83
N ASP B 168 -16.11 3.25 -21.64
CA ASP B 168 -15.95 3.23 -23.09
C ASP B 168 -16.14 4.65 -23.62
N SER B 169 -15.02 5.31 -23.91
CA SER B 169 -15.02 6.71 -24.31
C SER B 169 -15.88 7.00 -25.53
N LYS B 170 -16.27 5.98 -26.29
CA LYS B 170 -17.16 6.20 -27.43
C LYS B 170 -18.55 6.60 -26.96
N ASP B 171 -19.05 5.95 -25.90
CA ASP B 171 -20.37 6.24 -25.37
C ASP B 171 -20.35 6.57 -23.88
N SER B 172 -19.16 6.59 -23.24
CA SER B 172 -19.02 6.87 -21.81
C SER B 172 -19.81 5.90 -20.95
N THR B 173 -20.03 4.68 -21.44
CA THR B 173 -20.79 3.68 -20.71
C THR B 173 -19.87 2.61 -20.15
N TYR B 174 -20.47 1.67 -19.41
CA TYR B 174 -19.76 0.57 -18.79
C TYR B 174 -20.48 -0.75 -19.09
N SER B 175 -19.73 -1.85 -19.01
CA SER B 175 -20.29 -3.17 -19.21
C SER B 175 -19.89 -4.06 -18.03
N LEU B 176 -20.69 -5.10 -17.81
CA LEU B 176 -20.46 -6.03 -16.71
C LEU B 176 -20.76 -7.45 -17.16
N SER B 177 -19.93 -8.38 -16.71
CA SER B 177 -20.13 -9.80 -16.98
C SER B 177 -19.93 -10.58 -15.69
N SER B 178 -20.69 -11.66 -15.55
CA SER B 178 -20.69 -12.46 -14.34
C SER B 178 -20.37 -13.91 -14.64
N THR B 179 -19.66 -14.55 -13.73
CA THR B 179 -19.38 -15.97 -13.78
C THR B 179 -19.68 -16.59 -12.43
N LEU B 180 -20.07 -17.87 -12.44
CA LEU B 180 -20.46 -18.58 -11.23
C LEU B 180 -20.03 -20.03 -11.35
N THR B 181 -19.30 -20.53 -10.36
CA THR B 181 -18.76 -21.88 -10.40
C THR B 181 -19.79 -22.89 -9.91
N LEU B 182 -19.80 -24.05 -10.55
CA LEU B 182 -20.68 -25.16 -10.18
C LEU B 182 -19.92 -26.47 -10.33
N SER B 183 -20.23 -27.42 -9.45
CA SER B 183 -19.58 -28.72 -9.48
C SER B 183 -20.30 -29.65 -10.46
N LYS B 184 -19.93 -30.93 -10.42
CA LYS B 184 -20.56 -31.91 -11.29
C LYS B 184 -22.00 -32.13 -10.87
N ALA B 185 -22.91 -32.07 -11.86
CA ALA B 185 -24.35 -32.26 -11.68
C ALA B 185 -24.97 -31.13 -10.87
N ASP B 186 -24.14 -30.22 -10.37
CA ASP B 186 -24.66 -29.07 -9.64
C ASP B 186 -25.50 -28.15 -10.52
N TYR B 187 -25.29 -28.17 -11.83
CA TYR B 187 -26.15 -27.42 -12.73
C TYR B 187 -27.34 -28.25 -13.17
N GLU B 188 -27.11 -29.50 -13.57
CA GLU B 188 -28.20 -30.34 -14.08
C GLU B 188 -29.19 -30.74 -12.99
N LYS B 189 -28.88 -30.50 -11.72
CA LYS B 189 -29.82 -30.85 -10.66
C LYS B 189 -31.02 -29.91 -10.64
N HIS B 190 -30.77 -28.60 -10.53
CA HIS B 190 -31.84 -27.62 -10.47
C HIS B 190 -32.25 -27.20 -11.88
N LYS B 191 -33.45 -26.60 -11.98
CA LYS B 191 -34.06 -26.34 -13.28
C LYS B 191 -33.88 -24.90 -13.74
N VAL B 192 -34.34 -23.93 -12.95
CA VAL B 192 -34.35 -22.53 -13.36
C VAL B 192 -33.29 -21.78 -12.56
N TYR B 193 -32.33 -21.17 -13.25
CA TYR B 193 -31.28 -20.39 -12.64
C TYR B 193 -31.49 -18.91 -12.98
N ALA B 194 -31.63 -18.08 -11.95
CA ALA B 194 -32.01 -16.69 -12.11
C ALA B 194 -30.81 -15.78 -11.90
N CYS B 195 -30.65 -14.79 -12.79
CA CYS B 195 -29.68 -13.71 -12.62
C CYS B 195 -30.47 -12.47 -12.20
N GLU B 196 -30.63 -12.29 -10.89
CA GLU B 196 -31.37 -11.14 -10.39
C GLU B 196 -30.59 -9.85 -10.67
N VAL B 197 -31.27 -8.87 -11.23
CA VAL B 197 -30.64 -7.63 -11.69
C VAL B 197 -30.98 -6.51 -10.73
N THR B 198 -30.03 -5.58 -10.59
CA THR B 198 -30.22 -4.40 -9.75
C THR B 198 -29.30 -3.31 -10.27
N HIS B 199 -29.84 -2.09 -10.39
CA HIS B 199 -29.06 -0.96 -10.89
C HIS B 199 -29.73 0.35 -10.53
N GLN B 200 -28.96 1.29 -9.98
CA GLN B 200 -29.50 2.59 -9.61
C GLN B 200 -29.74 3.42 -10.86
N GLY B 201 -30.92 3.27 -11.46
CA GLY B 201 -31.25 3.97 -12.70
C GLY B 201 -32.06 3.14 -13.65
N LEU B 202 -32.21 1.84 -13.34
CA LEU B 202 -33.04 0.93 -14.12
C LEU B 202 -33.87 0.11 -13.12
N SER B 203 -35.04 0.63 -12.79
CA SER B 203 -35.90 -0.03 -11.81
C SER B 203 -36.78 -1.08 -12.48
N SER B 204 -37.52 -1.80 -11.65
CA SER B 204 -38.43 -2.87 -12.04
C SER B 204 -37.78 -3.97 -12.87
N PRO B 205 -36.64 -4.57 -12.45
CA PRO B 205 -36.11 -5.77 -13.11
C PRO B 205 -36.66 -7.07 -12.53
N VAL B 206 -37.91 -7.39 -12.87
CA VAL B 206 -38.65 -8.42 -12.15
C VAL B 206 -37.97 -9.79 -12.24
N THR B 207 -37.86 -10.34 -13.44
CA THR B 207 -37.39 -11.72 -13.58
C THR B 207 -36.59 -11.88 -14.86
N LYS B 208 -35.36 -12.38 -14.72
CA LYS B 208 -34.52 -12.77 -15.84
C LYS B 208 -33.71 -13.98 -15.42
N SER B 209 -34.00 -15.13 -16.04
CA SER B 209 -33.45 -16.39 -15.56
C SER B 209 -33.03 -17.27 -16.72
N PHE B 210 -32.43 -18.41 -16.38
CA PHE B 210 -32.12 -19.44 -17.36
C PHE B 210 -33.40 -20.07 -17.89
N ASN B 211 -33.32 -20.63 -19.08
CA ASN B 211 -34.44 -21.38 -19.67
C ASN B 211 -33.91 -22.71 -20.18
N ARG B 212 -34.12 -23.78 -19.41
CA ARG B 212 -33.79 -25.12 -19.85
C ARG B 212 -34.94 -25.70 -20.66
N GLY B 213 -35.39 -24.97 -21.67
CA GLY B 213 -36.51 -25.39 -22.49
C GLY B 213 -36.17 -26.52 -23.44
N THR C 340 38.90 15.44 13.61
CA THR C 340 38.67 14.31 12.71
C THR C 340 38.35 13.06 13.51
N ASN C 341 37.37 12.29 13.01
CA ASN C 341 36.90 11.03 13.59
C ASN C 341 36.75 11.09 15.10
N LEU C 342 35.81 11.91 15.58
CA LEU C 342 35.54 12.01 17.01
C LEU C 342 34.03 12.11 17.21
N CYS C 343 33.42 11.07 17.78
CA CYS C 343 31.98 11.02 17.96
C CYS C 343 31.67 10.15 19.17
N PRO C 344 30.71 10.55 20.00
CA PRO C 344 30.37 9.76 21.19
C PRO C 344 29.17 8.85 20.99
N PHE C 345 28.74 8.65 19.74
CA PHE C 345 27.51 7.91 19.47
C PHE C 345 27.51 6.53 20.13
N HIS C 346 28.64 5.83 20.09
CA HIS C 346 28.68 4.49 20.66
C HIS C 346 28.62 4.50 22.20
N GLU C 347 28.50 5.66 22.85
CA GLU C 347 28.30 5.69 24.29
C GLU C 347 26.83 5.52 24.67
N VAL C 348 25.92 5.63 23.72
CA VAL C 348 24.50 5.37 23.96
C VAL C 348 24.17 3.91 23.79
N PHE C 349 24.55 3.33 22.66
CA PHE C 349 24.37 1.91 22.41
C PHE C 349 25.39 1.11 23.21
N ASN C 350 25.00 -0.13 23.57
CA ASN C 350 25.86 -1.03 24.32
C ASN C 350 26.34 -0.38 25.61
N ALA C 351 25.39 0.03 26.45
CA ALA C 351 25.70 0.70 27.72
C ALA C 351 25.90 -0.28 28.86
N THR C 352 25.57 -1.57 28.64
CA THR C 352 25.72 -2.65 29.62
C THR C 352 24.70 -2.50 30.74
N THR C 353 24.00 -1.35 30.77
CA THR C 353 22.90 -1.14 31.70
C THR C 353 22.05 -0.02 31.12
N PHE C 354 20.84 -0.36 30.67
CA PHE C 354 19.97 0.65 30.08
C PHE C 354 19.03 1.23 31.13
N ALA C 355 18.84 2.55 31.06
CA ALA C 355 18.00 3.24 32.02
C ALA C 355 16.54 2.85 31.84
N SER C 356 15.82 2.80 32.95
CA SER C 356 14.39 2.50 32.90
C SER C 356 13.63 3.70 32.33
N VAL C 357 12.33 3.51 32.15
CA VAL C 357 11.51 4.60 31.60
C VAL C 357 11.41 5.74 32.60
N TYR C 358 11.54 5.45 33.89
CA TYR C 358 11.54 6.52 34.89
C TYR C 358 12.83 7.32 34.87
N ALA C 359 13.94 6.69 34.47
CA ALA C 359 15.22 7.39 34.44
C ALA C 359 15.31 8.34 33.26
N TRP C 360 15.01 7.84 32.05
CA TRP C 360 14.98 8.66 30.85
C TRP C 360 16.34 9.33 30.63
N ASN C 361 17.36 8.52 30.36
CA ASN C 361 18.74 9.00 30.27
C ASN C 361 18.93 9.76 28.96
N ARG C 362 18.95 11.08 29.06
CA ARG C 362 19.27 11.92 27.91
C ARG C 362 20.77 12.06 27.73
N LYS C 363 21.17 12.53 26.55
CA LYS C 363 22.58 12.80 26.29
C LYS C 363 22.66 13.85 25.18
N ARG C 364 22.90 15.10 25.56
CA ARG C 364 23.09 16.17 24.59
C ARG C 364 24.43 15.98 23.89
N ILE C 365 24.40 15.49 22.65
CA ILE C 365 25.60 15.17 21.89
C ILE C 365 25.86 16.27 20.89
N SER C 366 27.10 16.78 20.89
CA SER C 366 27.54 17.79 19.95
C SER C 366 28.97 17.47 19.51
N ASN C 367 29.43 18.17 18.47
CA ASN C 367 30.80 18.03 17.96
C ASN C 367 31.08 16.59 17.53
N CYS C 368 30.24 16.08 16.64
CA CYS C 368 30.42 14.74 16.08
C CYS C 368 30.41 14.81 14.57
N VAL C 369 31.49 14.33 13.95
CA VAL C 369 31.67 14.45 12.50
C VAL C 369 31.94 13.09 11.88
N ALA C 370 31.42 12.03 12.48
CA ALA C 370 31.68 10.67 11.99
C ALA C 370 30.67 9.72 12.66
N ASP C 371 30.94 8.43 12.52
CA ASP C 371 30.32 7.35 13.30
C ASP C 371 28.82 7.23 13.11
N TYR C 372 28.28 7.68 11.96
CA TYR C 372 26.89 7.39 11.67
C TYR C 372 26.69 5.97 11.16
N SER C 373 27.78 5.22 10.96
CA SER C 373 27.64 3.82 10.55
C SER C 373 27.11 2.95 11.69
N VAL C 374 27.40 3.34 12.93
CA VAL C 374 26.88 2.60 14.07
C VAL C 374 25.36 2.68 14.16
N ILE C 375 24.75 3.64 13.47
CA ILE C 375 23.30 3.78 13.47
C ILE C 375 22.66 2.99 12.34
N TYR C 376 23.23 3.08 11.13
CA TYR C 376 22.67 2.37 9.99
C TYR C 376 22.98 0.89 10.06
N ASN C 377 24.24 0.53 10.26
CA ASN C 377 24.69 -0.85 10.34
C ASN C 377 24.84 -1.24 11.81
N PHE C 378 24.02 -2.19 12.24
CA PHE C 378 24.06 -2.69 13.60
C PHE C 378 23.40 -4.07 13.60
N ALA C 379 23.06 -4.58 14.78
CA ALA C 379 22.26 -5.79 14.85
C ALA C 379 20.93 -5.57 14.13
N PRO C 380 20.30 -6.61 13.62
CA PRO C 380 19.03 -6.43 12.89
C PRO C 380 18.00 -5.71 13.74
N PHE C 381 17.63 -4.51 13.28
CA PHE C 381 16.73 -3.65 14.02
C PHE C 381 15.29 -4.14 13.92
N PHE C 382 14.63 -4.20 15.08
CA PHE C 382 13.20 -4.49 15.10
C PHE C 382 12.40 -3.29 14.60
N ALA C 383 12.92 -2.09 14.77
CA ALA C 383 12.23 -0.89 14.33
C ALA C 383 13.25 0.21 14.09
N PHE C 384 13.13 0.86 12.94
CA PHE C 384 13.96 1.99 12.57
C PHE C 384 13.04 3.08 12.00
N LYS C 385 11.96 3.35 12.73
CA LYS C 385 10.98 4.35 12.31
C LYS C 385 11.58 5.74 12.50
N CYS C 386 12.04 6.35 11.41
CA CYS C 386 12.49 7.73 11.44
C CYS C 386 11.32 8.67 11.21
N TYR C 387 11.61 9.96 11.24
CA TYR C 387 10.59 11.00 11.15
C TYR C 387 11.11 12.16 10.29
N GLY C 388 10.51 13.34 10.42
CA GLY C 388 10.60 14.36 9.39
C GLY C 388 11.98 14.90 9.07
N VAL C 389 13.02 14.21 9.52
CA VAL C 389 14.36 14.41 8.99
C VAL C 389 14.74 13.16 8.18
N SER C 390 15.08 13.37 6.92
CA SER C 390 15.36 12.25 6.03
C SER C 390 16.58 11.48 6.51
N PRO C 391 16.46 10.18 6.78
CA PRO C 391 17.62 9.42 7.27
C PRO C 391 18.72 9.27 6.24
N THR C 392 18.38 9.27 4.95
CA THR C 392 19.41 9.18 3.92
C THR C 392 20.17 10.49 3.78
N LYS C 393 19.54 11.61 4.12
CA LYS C 393 20.11 12.93 3.90
C LYS C 393 20.84 13.50 5.10
N LEU C 394 21.04 12.70 6.16
CA LEU C 394 21.73 13.21 7.33
C LEU C 394 23.23 13.32 7.10
N ASN C 395 23.79 12.46 6.25
CA ASN C 395 25.23 12.43 6.03
C ASN C 395 25.71 13.67 5.27
N ASP C 396 24.77 14.51 4.82
CA ASP C 396 25.12 15.73 4.12
C ASP C 396 24.47 16.95 4.76
N LEU C 397 23.94 16.79 5.97
CA LEU C 397 23.31 17.87 6.71
C LEU C 397 23.88 17.92 8.11
N CYS C 398 24.21 19.12 8.57
CA CYS C 398 24.83 19.33 9.87
C CYS C 398 23.81 19.81 10.88
N PHE C 399 23.91 19.29 12.10
CA PHE C 399 22.98 19.62 13.18
C PHE C 399 23.71 20.30 14.33
N THR C 400 22.99 21.17 15.03
CA THR C 400 23.57 21.85 16.18
C THR C 400 23.51 20.96 17.42
N ASN C 401 22.37 20.34 17.68
CA ASN C 401 22.18 19.49 18.85
C ASN C 401 21.61 18.15 18.42
N VAL C 402 22.20 17.08 18.92
CA VAL C 402 21.74 15.71 18.69
C VAL C 402 21.45 15.08 20.04
N TYR C 403 20.16 14.90 20.33
CA TYR C 403 19.71 14.41 21.64
C TYR C 403 19.41 12.93 21.53
N ALA C 404 20.02 12.14 22.40
CA ALA C 404 19.76 10.70 22.47
C ALA C 404 18.95 10.39 23.71
N ASP C 405 18.10 9.37 23.60
CA ASP C 405 17.28 8.93 24.72
C ASP C 405 17.19 7.41 24.68
N SER C 406 17.44 6.77 25.82
CA SER C 406 17.44 5.31 25.89
C SER C 406 16.56 4.85 27.03
N PHE C 407 15.89 3.72 26.81
CA PHE C 407 15.04 3.09 27.82
C PHE C 407 14.68 1.70 27.33
N VAL C 408 14.16 0.88 28.26
CA VAL C 408 13.72 -0.48 27.97
C VAL C 408 12.21 -0.52 28.11
N ILE C 409 11.53 -1.08 27.10
CA ILE C 409 10.08 -1.22 27.11
C ILE C 409 9.71 -2.58 26.56
N ARG C 410 8.47 -2.98 26.83
CA ARG C 410 7.98 -4.28 26.38
C ARG C 410 7.74 -4.28 24.88
N GLY C 411 7.95 -5.44 24.26
CA GLY C 411 7.77 -5.54 22.81
C GLY C 411 6.37 -5.19 22.36
N ASN C 412 5.37 -5.40 23.22
CA ASN C 412 4.01 -4.97 22.90
C ASN C 412 3.86 -3.46 22.88
N GLU C 413 4.78 -2.73 23.51
CA GLU C 413 4.71 -1.28 23.59
C GLU C 413 5.80 -0.62 22.74
N VAL C 414 6.28 -1.31 21.71
CA VAL C 414 7.23 -0.70 20.78
C VAL C 414 6.61 0.44 19.99
N SER C 415 5.28 0.55 20.00
CA SER C 415 4.60 1.68 19.39
C SER C 415 4.66 2.89 20.32
N GLN C 416 3.82 3.88 19.99
CA GLN C 416 3.60 5.10 20.76
C GLN C 416 4.87 5.94 20.90
N ILE C 417 5.98 5.50 20.32
CA ILE C 417 7.16 6.36 20.23
C ILE C 417 7.04 7.13 18.93
N ALA C 418 6.23 8.18 18.94
CA ALA C 418 5.80 8.89 17.74
C ALA C 418 4.96 10.09 18.17
N PRO C 419 4.64 11.03 17.27
CA PRO C 419 3.65 12.06 17.62
C PRO C 419 2.27 11.51 17.92
N GLY C 420 2.03 10.22 17.67
CA GLY C 420 0.75 9.60 17.96
C GLY C 420 0.62 9.16 19.40
N GLN C 421 0.37 10.12 20.30
CA GLN C 421 0.23 9.81 21.72
C GLN C 421 -0.96 8.88 21.94
N THR C 422 -0.68 7.64 22.34
CA THR C 422 -1.72 6.66 22.62
C THR C 422 -1.17 5.54 23.49
N GLY C 423 -1.81 5.29 24.63
CA GLY C 423 -1.42 4.21 25.50
C GLY C 423 -0.95 4.68 26.87
N ASN C 424 -0.68 3.69 27.72
CA ASN C 424 -0.21 3.98 29.08
C ASN C 424 1.16 4.65 29.06
N ILE C 425 2.11 4.07 28.34
CA ILE C 425 3.45 4.64 28.26
C ILE C 425 3.44 6.01 27.59
N ALA C 426 2.47 6.28 26.74
CA ALA C 426 2.37 7.60 26.12
C ALA C 426 1.79 8.61 27.08
N ASP C 427 0.69 8.24 27.75
CA ASP C 427 -0.03 9.20 28.58
C ASP C 427 0.59 9.38 29.95
N TYR C 428 1.54 8.52 30.35
CA TYR C 428 2.08 8.60 31.70
C TYR C 428 3.60 8.52 31.77
N ASN C 429 4.26 7.97 30.75
CA ASN C 429 5.70 7.71 30.89
C ASN C 429 6.55 8.53 29.93
N TYR C 430 6.29 8.42 28.62
CA TYR C 430 7.15 9.02 27.61
C TYR C 430 6.32 9.41 26.40
N LYS C 431 6.62 10.57 25.83
CA LYS C 431 5.82 11.13 24.74
C LYS C 431 6.71 12.02 23.87
N LEU C 432 6.40 12.06 22.55
CA LEU C 432 7.09 12.85 21.55
C LEU C 432 6.26 14.07 21.14
N PRO C 433 6.90 15.15 20.70
CA PRO C 433 6.15 16.34 20.29
C PRO C 433 5.44 16.11 18.96
N ASP C 434 4.76 17.18 18.50
CA ASP C 434 3.96 17.08 17.30
C ASP C 434 4.83 17.02 16.04
N ASP C 435 5.94 17.74 16.03
CA ASP C 435 6.82 17.83 14.87
C ASP C 435 8.20 17.27 15.20
N PHE C 436 8.22 16.10 15.85
CA PHE C 436 9.47 15.47 16.23
C PHE C 436 10.30 15.15 15.00
N THR C 437 11.52 15.70 14.95
CA THR C 437 12.44 15.50 13.83
C THR C 437 13.57 14.61 14.31
N GLY C 438 13.38 13.30 14.22
CA GLY C 438 14.40 12.37 14.62
C GLY C 438 14.08 10.96 14.17
N CYS C 439 14.80 10.01 14.76
CA CYS C 439 14.62 8.59 14.48
C CYS C 439 14.46 7.84 15.78
N VAL C 440 13.64 6.79 15.75
CA VAL C 440 13.40 5.93 16.90
C VAL C 440 13.89 4.54 16.54
N ILE C 441 14.87 4.03 17.29
CA ILE C 441 15.46 2.73 17.06
C ILE C 441 15.10 1.81 18.21
N ALA C 442 14.71 0.58 17.89
CA ALA C 442 14.37 -0.41 18.89
C ALA C 442 14.90 -1.77 18.45
N TRP C 443 15.24 -2.61 19.43
CA TRP C 443 15.72 -3.95 19.14
C TRP C 443 15.41 -4.86 20.32
N ASN C 444 15.42 -6.16 20.06
CA ASN C 444 15.07 -7.15 21.08
C ASN C 444 16.19 -7.25 22.11
N SER C 445 15.81 -7.19 23.39
CA SER C 445 16.75 -7.32 24.49
C SER C 445 16.48 -8.54 25.35
N ASN C 446 15.73 -9.52 24.83
CA ASN C 446 15.40 -10.69 25.62
C ASN C 446 16.62 -11.57 25.88
N LYS C 447 17.65 -11.45 25.04
CA LYS C 447 18.82 -12.31 25.17
C LYS C 447 19.72 -11.90 26.31
N LEU C 448 19.74 -10.61 26.70
CA LEU C 448 20.61 -10.17 27.78
C LEU C 448 19.89 -9.72 29.03
N ASP C 449 18.60 -9.39 28.98
CA ASP C 449 17.83 -9.01 30.15
C ASP C 449 17.06 -10.18 30.75
N SER C 450 17.45 -11.40 30.41
CA SER C 450 16.81 -12.57 31.01
C SER C 450 17.21 -12.68 32.48
N LYS C 451 16.20 -12.89 33.32
CA LYS C 451 16.38 -12.93 34.76
C LYS C 451 15.91 -14.28 35.28
N PRO C 452 16.50 -14.76 36.38
CA PRO C 452 16.00 -15.99 37.00
C PRO C 452 14.72 -15.77 37.79
N SER C 453 14.62 -14.61 38.45
CA SER C 453 13.43 -14.27 39.23
C SER C 453 12.68 -13.05 38.71
N GLY C 454 13.36 -11.97 38.34
CA GLY C 454 12.68 -10.87 37.67
C GLY C 454 11.82 -10.05 38.61
N ASN C 455 10.71 -9.55 38.06
CA ASN C 455 9.70 -8.74 38.72
C ASN C 455 10.27 -7.55 39.50
N TYR C 456 11.42 -7.03 39.09
CA TYR C 456 11.95 -5.80 39.68
C TYR C 456 13.00 -5.22 38.73
N ASN C 457 13.63 -4.12 39.16
CA ASN C 457 14.69 -3.37 38.50
C ASN C 457 14.16 -2.50 37.35
N TYR C 458 12.87 -2.59 37.00
CA TYR C 458 12.27 -1.76 35.97
C TYR C 458 10.84 -1.43 36.36
N LEU C 459 10.41 -0.22 36.02
CA LEU C 459 9.13 0.30 36.49
C LEU C 459 8.32 0.84 35.32
N TYR C 460 7.01 0.92 35.55
CA TYR C 460 6.09 1.58 34.63
C TYR C 460 5.05 2.33 35.46
N ARG C 461 4.39 3.30 34.84
CA ARG C 461 3.45 4.16 35.52
C ARG C 461 2.02 3.74 35.20
N LEU C 462 1.14 3.90 36.18
CA LEU C 462 -0.26 3.51 36.04
C LEU C 462 -1.17 4.68 35.71
N LEU C 463 -1.18 5.72 36.56
CA LEU C 463 -2.10 6.83 36.36
C LEU C 463 -1.48 8.11 36.91
N ARG C 464 -1.04 8.98 36.02
CA ARG C 464 -0.57 10.31 36.37
C ARG C 464 -1.04 11.34 35.35
N LYS C 465 -2.24 11.13 34.82
CA LYS C 465 -2.78 11.96 33.75
C LYS C 465 -2.79 13.45 34.11
N SER C 466 -2.83 13.78 35.40
CA SER C 466 -2.84 15.18 35.82
C SER C 466 -1.53 15.91 35.53
N LYS C 467 -0.49 15.19 35.08
CA LYS C 467 0.80 15.81 34.79
C LYS C 467 1.49 15.02 33.70
N LEU C 468 1.74 15.66 32.57
CA LEU C 468 2.48 15.05 31.46
C LEU C 468 2.91 16.15 30.50
N LYS C 469 4.19 16.15 30.16
CA LYS C 469 4.77 17.11 29.22
C LYS C 469 5.84 16.41 28.40
N PRO C 470 5.89 16.69 27.10
CA PRO C 470 6.93 16.09 26.26
C PRO C 470 8.32 16.58 26.66
N PHE C 471 9.28 15.65 26.64
CA PHE C 471 10.67 15.90 27.00
C PHE C 471 10.83 16.34 28.45
N GLU C 472 9.87 16.02 29.31
CA GLU C 472 9.91 16.39 30.73
C GLU C 472 9.61 15.14 31.55
N ARG C 473 10.64 14.58 32.18
CA ARG C 473 10.49 13.38 32.98
C ARG C 473 9.86 13.72 34.33
N ASP C 474 8.85 12.96 34.72
CA ASP C 474 8.20 13.13 36.02
C ASP C 474 8.67 12.01 36.92
N ILE C 475 9.77 12.25 37.66
CA ILE C 475 10.37 11.24 38.50
C ILE C 475 9.73 11.28 39.89
N SER C 476 8.75 12.16 40.05
CA SER C 476 8.04 12.23 41.32
C SER C 476 7.22 10.96 41.55
N THR C 477 7.46 10.33 42.70
CA THR C 477 6.78 9.06 42.98
C THR C 477 6.26 8.97 44.41
N GLU C 478 5.91 10.09 45.04
CA GLU C 478 5.44 10.05 46.42
C GLU C 478 4.17 9.23 46.56
N ILE C 479 3.08 9.70 45.93
CA ILE C 479 1.78 9.06 46.05
C ILE C 479 0.84 9.66 45.01
N TYR C 480 -0.17 8.90 44.59
CA TYR C 480 -1.21 9.40 43.71
C TYR C 480 -2.53 9.50 44.47
N GLN C 481 -3.37 10.44 44.06
CA GLN C 481 -4.59 10.74 44.79
C GLN C 481 -5.64 9.66 44.58
N ALA C 482 -6.12 9.10 45.69
CA ALA C 482 -7.21 8.13 45.69
C ALA C 482 -7.78 8.08 47.10
N GLY C 483 -9.04 7.69 47.20
CA GLY C 483 -9.71 7.72 48.48
C GLY C 483 -9.88 9.13 49.00
N ASN C 484 -9.44 9.38 50.24
CA ASN C 484 -9.51 10.70 50.82
C ASN C 484 -8.13 11.24 51.17
N LYS C 485 -7.35 10.47 51.92
CA LYS C 485 -6.07 10.94 52.39
C LYS C 485 -4.94 10.33 51.57
N PRO C 486 -3.88 11.10 51.27
CA PRO C 486 -2.77 10.56 50.47
C PRO C 486 -1.85 9.65 51.27
N CYS C 487 -2.30 9.24 52.46
CA CYS C 487 -1.56 8.32 53.34
C CYS C 487 -0.22 8.89 53.80
N ASN C 488 0.02 10.18 53.53
CA ASN C 488 1.11 10.96 54.10
C ASN C 488 2.47 10.27 54.01
N GLY C 489 2.75 9.57 52.91
CA GLY C 489 4.04 8.94 52.73
C GLY C 489 4.29 7.71 53.58
N VAL C 490 3.38 7.36 54.48
CA VAL C 490 3.47 6.14 55.27
C VAL C 490 2.46 5.16 54.71
N ALA C 491 2.24 5.23 53.40
CA ALA C 491 1.23 4.45 52.72
C ALA C 491 1.40 2.95 52.96
N GLY C 492 0.34 2.21 52.62
CA GLY C 492 0.28 0.80 52.87
C GLY C 492 -1.07 0.24 52.48
N PRO C 493 -1.65 -0.58 53.36
CA PRO C 493 -2.99 -1.13 53.08
C PRO C 493 -4.02 -0.01 52.91
N ASN C 494 -5.00 -0.28 52.04
CA ASN C 494 -6.13 0.61 51.77
C ASN C 494 -5.72 1.88 51.04
N CYS C 495 -4.43 2.09 50.82
CA CYS C 495 -3.95 3.19 49.99
C CYS C 495 -2.84 2.67 49.07
N TYR C 496 -3.10 1.56 48.39
CA TYR C 496 -2.14 0.92 47.51
C TYR C 496 -2.18 1.52 46.11
N SER C 497 -2.63 2.76 46.00
CA SER C 497 -2.75 3.49 44.75
C SER C 497 -1.42 3.79 44.02
N PRO C 498 -0.27 3.92 44.69
CA PRO C 498 0.98 4.20 43.96
C PRO C 498 1.28 3.15 42.90
N LEU C 499 2.27 3.48 42.06
CA LEU C 499 2.54 2.74 40.85
C LEU C 499 3.03 1.32 41.13
N GLN C 500 3.10 0.53 40.06
CA GLN C 500 3.61 -0.84 40.11
C GLN C 500 4.74 -0.98 39.11
N SER C 501 5.80 -1.69 39.52
CA SER C 501 6.96 -1.88 38.66
C SER C 501 6.72 -3.04 37.69
N TYR C 502 7.60 -3.13 36.69
CA TYR C 502 7.50 -4.18 35.69
C TYR C 502 7.65 -5.56 36.32
N GLY C 503 7.09 -6.56 35.64
CA GLY C 503 7.22 -7.94 36.07
C GLY C 503 7.97 -8.79 35.09
N PHE C 504 9.01 -8.23 34.47
CA PHE C 504 9.79 -8.96 33.47
C PHE C 504 10.64 -10.04 34.14
N ARG C 505 10.37 -11.29 33.77
CA ARG C 505 11.24 -12.39 34.17
C ARG C 505 11.32 -13.43 33.05
N PRO C 506 11.79 -13.07 31.87
CA PRO C 506 11.81 -14.03 30.76
C PRO C 506 12.92 -15.06 30.92
N THR C 507 12.53 -16.33 30.94
CA THR C 507 13.41 -17.48 30.99
C THR C 507 13.11 -18.40 29.81
N TYR C 508 13.03 -17.81 28.62
CA TYR C 508 12.44 -18.42 27.44
C TYR C 508 10.98 -18.77 27.70
N GLY C 509 10.31 -17.84 28.37
CA GLY C 509 8.94 -18.03 28.79
C GLY C 509 8.07 -16.80 28.64
N VAL C 510 8.33 -15.97 27.62
CA VAL C 510 7.51 -14.80 27.37
C VAL C 510 7.52 -14.53 25.87
N GLY C 511 6.45 -13.92 25.37
CA GLY C 511 6.35 -13.54 23.97
C GLY C 511 6.49 -12.05 23.78
N HIS C 512 5.90 -11.27 24.68
CA HIS C 512 6.09 -9.82 24.71
C HIS C 512 7.41 -9.53 25.42
N GLN C 513 8.50 -9.85 24.73
CA GLN C 513 9.83 -9.74 25.28
C GLN C 513 10.21 -8.28 25.48
N PRO C 514 11.12 -7.98 26.40
CA PRO C 514 11.54 -6.60 26.61
C PRO C 514 12.49 -6.14 25.51
N TYR C 515 12.24 -4.95 24.99
CA TYR C 515 13.02 -4.38 23.89
C TYR C 515 13.67 -3.08 24.36
N ARG C 516 14.93 -2.88 23.95
CA ARG C 516 15.64 -1.64 24.22
C ARG C 516 15.41 -0.65 23.09
N VAL C 517 15.36 0.63 23.44
CA VAL C 517 15.04 1.69 22.51
C VAL C 517 16.06 2.81 22.66
N VAL C 518 16.52 3.35 21.53
CA VAL C 518 17.45 4.48 21.51
C VAL C 518 16.79 5.55 20.64
N VAL C 519 16.14 6.52 21.27
CA VAL C 519 15.52 7.61 20.53
C VAL C 519 16.55 8.68 20.23
N LEU C 520 16.55 9.16 18.99
CA LEU C 520 17.43 10.24 18.56
C LEU C 520 16.60 11.42 18.09
N SER C 521 17.04 12.62 18.43
CA SER C 521 16.36 13.83 18.04
C SER C 521 17.39 14.87 17.63
N PHE C 522 16.94 15.88 16.89
CA PHE C 522 17.82 16.92 16.38
C PHE C 522 17.16 18.27 16.55
N GLU C 523 18.00 19.31 16.61
CA GLU C 523 17.53 20.68 16.75
C GLU C 523 18.37 21.60 15.87
N LEU C 524 17.74 22.67 15.41
CA LEU C 524 18.41 23.71 14.64
C LEU C 524 17.91 25.07 15.13
N LEU C 525 18.82 25.87 15.64
CA LEU C 525 18.49 27.16 16.25
C LEU C 525 19.33 28.26 15.59
N HIS C 526 19.29 29.45 16.19
CA HIS C 526 20.10 30.56 15.70
C HIS C 526 21.54 30.39 16.15
N ALA C 527 22.15 29.28 15.79
CA ALA C 527 23.52 28.96 16.17
C ALA C 527 24.10 28.04 15.12
N PRO C 528 25.42 28.09 14.91
CA PRO C 528 26.04 27.21 13.91
C PRO C 528 25.88 25.74 14.28
N ALA C 529 25.82 24.90 13.26
CA ALA C 529 25.64 23.47 13.42
C ALA C 529 27.01 22.81 13.57
N THR C 530 27.15 21.94 14.57
CA THR C 530 28.42 21.33 14.88
C THR C 530 28.48 19.82 14.63
N VAL C 531 27.35 19.14 14.52
CA VAL C 531 27.32 17.70 14.29
C VAL C 531 27.08 17.48 12.80
N CYS C 532 28.17 17.42 12.02
CA CYS C 532 28.10 17.22 10.59
C CYS C 532 28.50 15.77 10.28
N GLY C 533 28.60 15.46 8.99
CA GLY C 533 28.99 14.15 8.56
C GLY C 533 30.47 14.03 8.27
N PRO C 534 30.96 12.81 8.08
CA PRO C 534 32.38 12.62 7.79
C PRO C 534 32.77 13.22 6.45
N LYS C 535 33.96 13.81 6.41
CA LYS C 535 34.44 14.48 5.20
C LYS C 535 35.60 13.72 4.56
#